data_6Z08
#
_entry.id   6Z08
#
_cell.length_a   51.650
_cell.length_b   71.256
_cell.length_c   97.235
_cell.angle_alpha   90.000
_cell.angle_beta   90.000
_cell.angle_gamma   90.000
#
_symmetry.space_group_name_H-M   'P 21 21 21'
#
loop_
_entity.id
_entity.type
_entity.pdbx_description
1 polymer 'cAMP-dependent protein kinase catalytic subunit alpha'
2 non-polymer P-NITROPHENOL
3 water water
#
_entity_poly.entity_id   1
_entity_poly.type   'polypeptide(L)'
_entity_poly.pdbx_seq_one_letter_code
;GHMGNAAAAKKGSEQESVKEFLAKAKEEFLKKWESPSQNTAQLDHFDRIKTLGTGSFGRVMLVKHKETGNHYAMKILDKQ
KVVKLKQIEHTLNEKRILQAVNFPFLVKLEFSFKDNSNLYMVMEYVPGGEMFSHLRRIGRF(SEP)EPHARFYAAQIVLT
FEYLHSLDLIYRDLKPENLLIDQQGYIQVTDFGFAKRVKGRTW(TPO)LCGTPEYLAPEIILSKGYNKAVDWWALGVLIY
EMAAGYPPFFADQPIQIYEKIVSGKVRFPSHFSSDLKDLLRNLLQVDLTKRFGNLKNGVNDIKNHKWFATTDWIAIYQRK
VEAPFIPKFKGPGDTSNFDDYEEEEIRV(SEP)INEKCGKEFTEF
;
_entity_poly.pdbx_strand_id   A
#
loop_
_chem_comp.id
_chem_comp.type
_chem_comp.name
_chem_comp.formula
NPO non-polymer P-NITROPHENOL 'C6 H5 N O3'
#
# COMPACT_ATOMS: atom_id res chain seq x y z
N GLU A 16 12.51 22.97 10.24
CA GLU A 16 13.48 22.15 10.97
C GLU A 16 12.77 21.03 11.69
N SER A 17 11.54 21.27 12.13
CA SER A 17 10.82 20.21 12.83
C SER A 17 10.62 19.00 11.93
N VAL A 18 10.34 19.24 10.65
CA VAL A 18 10.15 18.14 9.70
C VAL A 18 11.47 17.48 9.37
N LYS A 19 12.53 18.27 9.20
CA LYS A 19 13.85 17.71 8.95
C LYS A 19 14.28 16.81 10.10
N GLU A 20 14.11 17.28 11.32
CA GLU A 20 14.53 16.47 12.46
C GLU A 20 13.65 15.23 12.62
N PHE A 21 12.35 15.36 12.38
CA PHE A 21 11.48 14.19 12.44
C PHE A 21 11.95 13.14 11.44
N LEU A 22 12.19 13.56 10.20
CA LEU A 22 12.55 12.60 9.17
C LEU A 22 13.95 12.04 9.39
N ALA A 23 14.86 12.84 9.96
CA ALA A 23 16.20 12.31 10.28
C ALA A 23 16.11 11.19 11.31
N LYS A 24 15.31 11.38 12.37
CA LYS A 24 15.12 10.32 13.35
C LYS A 24 14.42 9.12 12.73
N ALA A 25 13.43 9.37 11.89
CA ALA A 25 12.74 8.27 11.23
C ALA A 25 13.72 7.43 10.43
N LYS A 26 14.63 8.08 9.72
CA LYS A 26 15.58 7.32 8.91
C LYS A 26 16.58 6.56 9.77
N GLU A 27 17.07 7.18 10.85
CA GLU A 27 17.96 6.51 11.78
C GLU A 27 17.34 5.22 12.31
N GLU A 28 16.08 5.29 12.73
CA GLU A 28 15.42 4.14 13.32
C GLU A 28 15.17 3.06 12.28
N PHE A 29 14.81 3.47 11.06
CA PHE A 29 14.61 2.52 9.98
C PHE A 29 15.91 1.81 9.67
N LEU A 30 17.01 2.57 9.55
CA LEU A 30 18.27 1.96 9.14
C LEU A 30 18.75 0.93 10.16
N LYS A 31 18.57 1.21 11.45
CA LYS A 31 18.98 0.22 12.46
C LYS A 31 18.29 -1.13 12.25
N LYS A 32 16.97 -1.12 12.06
CA LYS A 32 16.25 -2.36 11.81
C LYS A 32 16.56 -2.92 10.43
N TRP A 33 16.77 -2.06 9.44
CA TRP A 33 17.09 -2.50 8.09
C TRP A 33 18.37 -3.30 8.08
N GLU A 34 19.36 -2.85 8.84
CA GLU A 34 20.67 -3.49 8.85
C GLU A 34 20.69 -4.76 9.66
N SER A 35 19.76 -4.92 10.61
CA SER A 35 19.72 -6.09 11.48
C SER A 35 18.28 -6.57 11.57
N PRO A 36 17.77 -7.22 10.52
CA PRO A 36 16.34 -7.56 10.51
C PRO A 36 15.99 -8.63 11.52
N SER A 37 14.76 -8.54 12.05
CA SER A 37 14.24 -9.62 12.85
C SER A 37 13.93 -10.83 11.97
N GLN A 38 14.05 -12.02 12.56
CA GLN A 38 13.77 -13.25 11.85
C GLN A 38 13.20 -14.26 12.83
N ASN A 39 12.30 -15.10 12.34
CA ASN A 39 11.88 -16.32 13.03
C ASN A 39 11.34 -16.02 14.43
N THR A 40 10.31 -15.17 14.49
CA THR A 40 9.81 -14.66 15.76
C THR A 40 8.49 -15.29 16.18
N ALA A 41 7.97 -16.26 15.42
CA ALA A 41 6.85 -17.10 15.84
C ALA A 41 6.90 -18.38 15.04
N GLN A 42 5.87 -19.22 15.18
CA GLN A 42 5.73 -20.40 14.34
C GLN A 42 4.24 -20.67 14.12
N LEU A 43 3.94 -21.50 13.13
CA LEU A 43 2.56 -21.61 12.66
C LEU A 43 1.65 -22.14 13.74
N ASP A 44 2.11 -23.12 14.52
CA ASP A 44 1.22 -23.72 15.50
C ASP A 44 1.01 -22.86 16.75
N HIS A 45 1.51 -21.62 16.75
CA HIS A 45 1.11 -20.64 17.76
C HIS A 45 -0.24 -20.01 17.45
N PHE A 46 -0.80 -20.26 16.28
CA PHE A 46 -2.02 -19.61 15.81
C PHE A 46 -3.09 -20.62 15.42
N ASP A 47 -4.34 -20.19 15.56
CA ASP A 47 -5.51 -20.86 15.02
C ASP A 47 -5.91 -20.14 13.73
N ARG A 48 -6.26 -20.90 12.70
CA ARG A 48 -6.79 -20.37 11.47
C ARG A 48 -8.28 -20.06 11.62
N ILE A 49 -8.70 -18.85 11.22
CA ILE A 49 -10.09 -18.43 11.30
C ILE A 49 -10.75 -18.37 9.92
N LYS A 50 -10.16 -17.64 8.97
CA LYS A 50 -10.81 -17.38 7.70
C LYS A 50 -9.81 -16.89 6.66
N THR A 51 -10.04 -17.26 5.41
CA THR A 51 -9.29 -16.71 4.29
C THR A 51 -9.88 -15.33 3.93
N LEU A 52 -9.03 -14.32 3.97
CA LEU A 52 -9.44 -12.94 3.69
C LEU A 52 -9.15 -12.50 2.27
N GLY A 53 -8.24 -13.17 1.59
CA GLY A 53 -7.90 -12.82 0.21
C GLY A 53 -6.92 -13.84 -0.33
N THR A 54 -6.86 -13.92 -1.66
CA THR A 54 -6.00 -14.91 -2.30
C THR A 54 -5.29 -14.29 -3.50
N GLY A 55 -4.16 -14.90 -3.88
CA GLY A 55 -3.38 -14.48 -5.01
C GLY A 55 -2.70 -15.65 -5.69
N SER A 56 -1.91 -15.36 -6.72
CA SER A 56 -1.28 -16.42 -7.49
C SER A 56 -0.16 -17.12 -6.75
N PHE A 57 0.47 -16.47 -5.75
CA PHE A 57 1.51 -17.14 -4.97
C PHE A 57 1.26 -17.09 -3.47
N GLY A 58 0.11 -16.60 -3.02
CA GLY A 58 -0.14 -16.64 -1.59
C GLY A 58 -1.57 -16.28 -1.25
N ARG A 59 -1.80 -16.12 0.06
CA ARG A 59 -3.11 -15.74 0.55
C ARG A 59 -2.94 -14.99 1.85
N VAL A 60 -3.99 -14.33 2.28
CA VAL A 60 -4.02 -13.64 3.56
C VAL A 60 -5.13 -14.26 4.39
N MET A 61 -4.81 -14.62 5.62
CA MET A 61 -5.71 -15.31 6.52
C MET A 61 -5.89 -14.50 7.79
N LEU A 62 -7.09 -14.52 8.34
CA LEU A 62 -7.31 -14.13 9.72
C LEU A 62 -6.93 -15.30 10.62
N VAL A 63 -6.06 -15.02 11.59
CA VAL A 63 -5.61 -16.01 12.57
C VAL A 63 -5.78 -15.42 13.95
N LYS A 64 -5.78 -16.31 14.95
CA LYS A 64 -5.85 -15.89 16.34
C LYS A 64 -4.70 -16.54 17.09
N HIS A 65 -3.95 -15.74 17.84
CA HIS A 65 -2.87 -16.29 18.64
C HIS A 65 -3.45 -17.04 19.82
N LYS A 66 -3.00 -18.29 20.00
CA LYS A 66 -3.64 -19.21 20.94
C LYS A 66 -3.36 -18.86 22.39
N GLU A 67 -2.26 -18.18 22.68
CA GLU A 67 -1.94 -17.83 24.05
C GLU A 67 -2.49 -16.46 24.43
N THR A 68 -2.38 -15.48 23.54
CA THR A 68 -2.81 -14.13 23.88
C THR A 68 -4.24 -13.84 23.47
N GLY A 69 -4.77 -14.57 22.49
CA GLY A 69 -6.09 -14.32 21.98
C GLY A 69 -6.16 -13.17 20.98
N ASN A 70 -5.03 -12.57 20.65
CA ASN A 70 -5.02 -11.48 19.69
C ASN A 70 -5.24 -12.00 18.27
N HIS A 71 -5.97 -11.22 17.49
CA HIS A 71 -6.16 -11.52 16.07
C HIS A 71 -5.10 -10.84 15.24
N TYR A 72 -4.74 -11.49 14.14
CA TYR A 72 -3.76 -10.98 13.19
C TYR A 72 -4.14 -11.38 11.77
N ALA A 73 -3.66 -10.61 10.81
CA ALA A 73 -3.69 -10.98 9.42
C ALA A 73 -2.36 -11.65 9.07
N MET A 74 -2.43 -12.88 8.56
CA MET A 74 -1.25 -13.66 8.25
C MET A 74 -1.17 -13.83 6.74
N LYS A 75 -0.11 -13.27 6.15
CA LYS A 75 0.13 -13.44 4.73
C LYS A 75 1.02 -14.66 4.57
N ILE A 76 0.57 -15.59 3.74
CA ILE A 76 1.24 -16.87 3.52
C ILE A 76 1.67 -16.92 2.06
N LEU A 77 2.97 -17.04 1.82
CA LEU A 77 3.51 -17.16 0.47
C LEU A 77 4.13 -18.53 0.25
N ASP A 78 3.74 -19.17 -0.86
CA ASP A 78 4.27 -20.47 -1.26
C ASP A 78 5.63 -20.26 -1.92
N LYS A 79 6.70 -20.74 -1.27
CA LYS A 79 8.05 -20.49 -1.77
C LYS A 79 8.22 -20.95 -3.20
N GLN A 80 7.68 -22.12 -3.55
CA GLN A 80 7.87 -22.62 -4.90
C GLN A 80 7.17 -21.73 -5.93
N LYS A 81 6.01 -21.17 -5.58
CA LYS A 81 5.32 -20.30 -6.52
C LYS A 81 6.02 -18.95 -6.62
N VAL A 82 6.66 -18.50 -5.55
CA VAL A 82 7.40 -17.25 -5.58
C VAL A 82 8.55 -17.34 -6.55
N VAL A 83 9.32 -18.42 -6.46
CA VAL A 83 10.41 -18.66 -7.41
C VAL A 83 9.87 -18.68 -8.84
N LYS A 84 8.81 -19.45 -9.06
CA LYS A 84 8.23 -19.58 -10.40
C LYS A 84 7.83 -18.21 -10.95
N LEU A 85 7.14 -17.41 -10.15
CA LEU A 85 6.69 -16.10 -10.57
C LEU A 85 7.77 -15.03 -10.47
N LYS A 86 9.00 -15.42 -10.17
CA LYS A 86 10.15 -14.52 -10.16
C LYS A 86 9.98 -13.39 -9.16
N GLN A 87 9.39 -13.71 -8.01
CA GLN A 87 9.19 -12.73 -6.95
C GLN A 87 10.16 -12.88 -5.78
N ILE A 88 11.31 -13.57 -5.95
CA ILE A 88 12.17 -13.82 -4.78
C ILE A 88 12.64 -12.52 -4.13
N GLU A 89 13.26 -11.65 -4.94
CA GLU A 89 13.75 -10.37 -4.42
C GLU A 89 12.61 -9.56 -3.83
N HIS A 90 11.45 -9.56 -4.48
CA HIS A 90 10.31 -8.79 -4.00
C HIS A 90 9.84 -9.27 -2.63
N THR A 91 9.75 -10.60 -2.43
CA THR A 91 9.32 -11.10 -1.13
C THR A 91 10.34 -10.78 -0.05
N LEU A 92 11.62 -10.81 -0.38
CA LEU A 92 12.63 -10.42 0.60
C LEU A 92 12.59 -8.92 0.90
N ASN A 93 12.42 -8.09 -0.12
CA ASN A 93 12.18 -6.66 0.09
C ASN A 93 11.01 -6.45 1.04
N GLU A 94 9.89 -7.09 0.73
CA GLU A 94 8.66 -6.85 1.46
C GLU A 94 8.86 -7.05 2.95
N LYS A 95 9.41 -8.20 3.33
CA LYS A 95 9.56 -8.49 4.74
C LYS A 95 10.62 -7.60 5.38
N ARG A 96 11.73 -7.38 4.69
CA ARG A 96 12.80 -6.59 5.28
C ARG A 96 12.34 -5.16 5.51
N ILE A 97 11.56 -4.61 4.57
CA ILE A 97 11.06 -3.26 4.75
C ILE A 97 10.01 -3.23 5.85
N LEU A 98 9.05 -4.15 5.82
CA LEU A 98 7.95 -4.06 6.79
C LEU A 98 8.45 -4.19 8.22
N GLN A 99 9.45 -5.01 8.45
CA GLN A 99 9.97 -5.13 9.80
C GLN A 99 10.75 -3.91 10.25
N ALA A 100 11.10 -3.01 9.34
CA ALA A 100 11.92 -1.86 9.68
C ALA A 100 11.18 -0.53 9.75
N VAL A 101 9.95 -0.44 9.22
CA VAL A 101 9.25 0.84 9.16
C VAL A 101 8.39 1.03 10.40
N ASN A 102 7.96 2.30 10.59
CA ASN A 102 7.15 2.69 11.74
C ASN A 102 6.53 4.03 11.39
N PHE A 103 5.23 4.02 11.08
CA PHE A 103 4.53 5.25 10.73
C PHE A 103 3.05 5.02 11.01
N PRO A 104 2.30 6.05 11.38
CA PRO A 104 0.92 5.80 11.84
C PRO A 104 0.02 5.16 10.81
N PHE A 105 0.33 5.31 9.52
CA PHE A 105 -0.56 4.81 8.46
C PHE A 105 0.01 3.59 7.75
N LEU A 106 1.03 2.94 8.33
CA LEU A 106 1.61 1.72 7.78
C LEU A 106 1.27 0.55 8.70
N VAL A 107 0.82 -0.56 8.11
CA VAL A 107 0.50 -1.73 8.91
C VAL A 107 1.72 -2.19 9.68
N LYS A 108 1.49 -2.67 10.90
CA LYS A 108 2.56 -3.16 11.76
C LYS A 108 2.75 -4.66 11.56
N LEU A 109 3.96 -5.05 11.21
CA LEU A 109 4.35 -6.45 11.20
C LEU A 109 4.71 -6.87 12.62
N GLU A 110 4.02 -7.89 13.13
CA GLU A 110 4.26 -8.36 14.50
C GLU A 110 5.18 -9.55 14.56
N PHE A 111 5.08 -10.48 13.60
CA PHE A 111 5.94 -11.66 13.57
C PHE A 111 6.24 -12.03 12.12
N SER A 112 7.34 -12.74 11.92
CA SER A 112 7.56 -13.42 10.65
C SER A 112 8.30 -14.71 10.90
N PHE A 113 8.13 -15.66 9.98
CA PHE A 113 8.82 -16.93 10.06
C PHE A 113 8.62 -17.65 8.73
N LYS A 114 9.32 -18.77 8.58
CA LYS A 114 9.18 -19.60 7.39
C LYS A 114 9.21 -21.06 7.84
N ASP A 115 8.79 -21.94 6.95
CA ASP A 115 8.84 -23.36 7.20
C ASP A 115 9.24 -24.04 5.90
N ASN A 116 9.03 -25.36 5.81
CA ASN A 116 9.55 -26.06 4.65
C ASN A 116 8.94 -25.56 3.36
N SER A 117 7.70 -25.10 3.40
CA SER A 117 6.98 -24.74 2.19
C SER A 117 6.72 -23.24 2.02
N ASN A 118 6.51 -22.48 3.10
CA ASN A 118 5.90 -21.16 3.00
C ASN A 118 6.71 -20.12 3.74
N LEU A 119 6.48 -18.87 3.35
CA LEU A 119 6.89 -17.68 4.10
C LEU A 119 5.66 -17.13 4.78
N TYR A 120 5.83 -16.59 5.99
CA TYR A 120 4.72 -16.05 6.77
C TYR A 120 5.04 -14.67 7.31
N MET A 121 4.09 -13.77 7.14
CA MET A 121 4.17 -12.45 7.73
C MET A 121 2.88 -12.22 8.51
N VAL A 122 3.01 -11.94 9.80
CA VAL A 122 1.86 -11.81 10.70
C VAL A 122 1.76 -10.35 11.09
N MET A 123 0.64 -9.73 10.71
N MET A 123 0.67 -9.70 10.67
CA MET A 123 0.43 -8.30 10.83
CA MET A 123 0.47 -8.27 10.81
C MET A 123 -0.79 -8.00 11.67
C MET A 123 -0.79 -7.99 11.61
N GLU A 124 -0.89 -6.76 12.13
CA GLU A 124 -2.12 -6.30 12.75
C GLU A 124 -3.30 -6.57 11.80
N TYR A 125 -4.40 -7.04 12.37
CA TYR A 125 -5.64 -7.22 11.61
C TYR A 125 -6.49 -5.97 11.71
N VAL A 126 -6.96 -5.50 10.56
CA VAL A 126 -7.79 -4.30 10.48
C VAL A 126 -9.19 -4.73 10.04
N PRO A 127 -10.16 -4.85 10.97
CA PRO A 127 -11.47 -5.42 10.58
C PRO A 127 -12.28 -4.56 9.64
N GLY A 128 -11.94 -3.28 9.47
CA GLY A 128 -12.78 -2.43 8.62
C GLY A 128 -12.69 -2.73 7.14
N GLY A 129 -11.69 -3.51 6.73
CA GLY A 129 -11.60 -3.89 5.35
C GLY A 129 -10.96 -2.84 4.46
N GLU A 130 -10.99 -3.16 3.17
CA GLU A 130 -10.27 -2.40 2.17
C GLU A 130 -11.06 -1.18 1.72
N MET A 131 -10.34 -0.08 1.46
CA MET A 131 -11.00 1.10 0.91
C MET A 131 -11.79 0.77 -0.34
N PHE A 132 -11.27 -0.14 -1.15
CA PHE A 132 -11.94 -0.54 -2.39
C PHE A 132 -13.39 -0.92 -2.16
N SER A 133 -13.66 -1.76 -1.15
CA SER A 133 -15.04 -2.17 -0.90
CA SER A 133 -15.03 -2.16 -0.87
C SER A 133 -15.90 -0.97 -0.50
N HIS A 134 -15.40 -0.10 0.37
CA HIS A 134 -16.20 1.05 0.79
C HIS A 134 -16.45 2.01 -0.35
N LEU A 135 -15.43 2.24 -1.19
CA LEU A 135 -15.58 3.12 -2.35
C LEU A 135 -16.63 2.57 -3.30
N ARG A 136 -16.61 1.27 -3.56
CA ARG A 136 -17.57 0.70 -4.49
C ARG A 136 -18.97 0.65 -3.89
N ARG A 137 -19.08 0.53 -2.57
CA ARG A 137 -20.40 0.55 -1.92
C ARG A 137 -21.03 1.92 -2.02
N ILE A 138 -20.25 2.98 -1.75
CA ILE A 138 -20.80 4.34 -1.71
C ILE A 138 -20.85 4.96 -3.09
N GLY A 139 -20.00 4.53 -4.02
CA GLY A 139 -19.99 5.08 -5.35
C GLY A 139 -18.78 5.96 -5.55
N ARG A 140 -18.75 7.11 -4.88
N ARG A 140 -18.76 7.10 -4.88
CA ARG A 140 -17.60 7.99 -4.90
CA ARG A 140 -17.57 7.93 -4.84
C ARG A 140 -17.57 8.79 -3.61
C ARG A 140 -17.53 8.63 -3.50
N PHE A 141 -16.34 9.10 -3.16
CA PHE A 141 -16.15 9.90 -1.96
C PHE A 141 -16.25 11.37 -2.31
N SEP A 142 -16.83 12.15 -1.39
CA SEP A 142 -16.79 13.60 -1.54
CB SEP A 142 -17.55 14.25 -0.39
OG SEP A 142 -16.83 14.15 0.81
C SEP A 142 -15.33 14.10 -1.55
O SEP A 142 -14.40 13.40 -1.11
P SEP A 142 -17.64 14.53 2.18
O1P SEP A 142 -18.90 13.50 2.27
O2P SEP A 142 -16.66 14.27 3.41
O3P SEP A 142 -18.17 16.02 2.11
H SEP A 142 -17.23 11.88 -0.69
HA SEP A 142 -17.20 13.88 -2.38
HB2 SEP A 142 -18.41 13.81 -0.29
HB3 SEP A 142 -17.69 15.19 -0.60
N GLU A 143 -15.08 15.31 -2.03
CA GLU A 143 -13.72 15.83 -2.01
C GLU A 143 -13.10 15.88 -0.60
N PRO A 144 -13.83 16.35 0.41
CA PRO A 144 -13.25 16.33 1.77
C PRO A 144 -12.85 14.92 2.23
N HIS A 145 -13.69 13.93 1.90
CA HIS A 145 -13.43 12.55 2.27
C HIS A 145 -12.19 12.02 1.53
N ALA A 146 -12.15 12.21 0.20
CA ALA A 146 -10.97 11.82 -0.57
C ALA A 146 -9.73 12.52 -0.06
N ARG A 147 -9.86 13.80 0.30
CA ARG A 147 -8.73 14.60 0.77
C ARG A 147 -8.20 14.09 2.10
N PHE A 148 -9.09 13.68 3.00
CA PHE A 148 -8.64 13.08 4.26
C PHE A 148 -7.75 11.86 4.02
N TYR A 149 -8.16 10.96 3.15
CA TYR A 149 -7.31 9.81 2.82
C TYR A 149 -6.05 10.24 2.06
N ALA A 150 -6.20 11.12 1.08
CA ALA A 150 -5.04 11.55 0.30
C ALA A 150 -3.96 12.14 1.20
N ALA A 151 -4.36 12.92 2.20
CA ALA A 151 -3.38 13.56 3.08
C ALA A 151 -2.55 12.50 3.79
N GLN A 152 -3.20 11.42 4.23
CA GLN A 152 -2.47 10.35 4.89
C GLN A 152 -1.47 9.71 3.95
N ILE A 153 -1.86 9.50 2.68
CA ILE A 153 -0.93 8.95 1.70
C ILE A 153 0.22 9.91 1.44
N VAL A 154 -0.05 11.21 1.34
CA VAL A 154 1.03 12.18 1.14
C VAL A 154 2.06 12.07 2.26
N LEU A 155 1.60 12.07 3.51
CA LEU A 155 2.52 11.95 4.65
C LEU A 155 3.26 10.62 4.60
N THR A 156 2.56 9.54 4.23
CA THR A 156 3.19 8.22 4.21
C THR A 156 4.28 8.16 3.15
N PHE A 157 4.03 8.74 1.98
CA PHE A 157 5.04 8.75 0.92
C PHE A 157 6.19 9.68 1.28
N GLU A 158 5.91 10.80 1.96
CA GLU A 158 7.01 11.64 2.44
C GLU A 158 7.93 10.84 3.35
N TYR A 159 7.34 10.06 4.25
CA TYR A 159 8.09 9.16 5.12
C TYR A 159 8.86 8.11 4.32
N LEU A 160 8.16 7.34 3.47
CA LEU A 160 8.82 6.25 2.75
C LEU A 160 9.94 6.78 1.85
N HIS A 161 9.65 7.84 1.10
CA HIS A 161 10.65 8.37 0.18
C HIS A 161 11.87 8.89 0.90
N SER A 162 11.69 9.46 2.09
N SER A 162 11.70 9.45 2.10
CA SER A 162 12.83 9.94 2.86
CA SER A 162 12.85 9.95 2.85
C SER A 162 13.77 8.80 3.23
C SER A 162 13.75 8.82 3.33
N LEU A 163 13.21 7.62 3.44
CA LEU A 163 13.96 6.41 3.75
C LEU A 163 14.52 5.73 2.50
N ASP A 164 14.40 6.38 1.33
CA ASP A 164 14.81 5.80 0.04
C ASP A 164 13.96 4.59 -0.35
N LEU A 165 12.71 4.56 0.09
CA LEU A 165 11.78 3.48 -0.26
C LEU A 165 10.77 3.98 -1.28
N ILE A 166 10.49 3.15 -2.29
CA ILE A 166 9.41 3.38 -3.24
C ILE A 166 8.36 2.32 -2.96
N TYR A 167 7.09 2.71 -2.98
CA TYR A 167 6.01 1.81 -2.57
C TYR A 167 5.51 0.93 -3.73
N ARG A 168 5.17 1.54 -4.86
CA ARG A 168 4.91 0.86 -6.15
C ARG A 168 3.64 0.02 -6.22
N ASP A 169 2.71 0.14 -5.29
CA ASP A 169 1.45 -0.59 -5.47
C ASP A 169 0.29 0.17 -4.82
N LEU A 170 0.27 1.50 -4.96
CA LEU A 170 -0.85 2.25 -4.42
C LEU A 170 -2.11 1.95 -5.22
N LYS A 171 -3.17 1.55 -4.53
CA LYS A 171 -4.49 1.29 -5.11
C LYS A 171 -5.45 1.06 -3.95
N PRO A 172 -6.76 1.22 -4.15
CA PRO A 172 -7.68 1.12 -3.02
C PRO A 172 -7.70 -0.22 -2.31
N GLU A 173 -7.38 -1.32 -3.00
CA GLU A 173 -7.36 -2.63 -2.37
C GLU A 173 -6.26 -2.77 -1.35
N ASN A 174 -5.24 -1.92 -1.39
CA ASN A 174 -4.11 -2.03 -0.48
C ASN A 174 -4.17 -1.04 0.67
N LEU A 175 -5.31 -0.38 0.86
CA LEU A 175 -5.50 0.62 1.89
C LEU A 175 -6.64 0.11 2.77
N LEU A 176 -6.33 -0.25 4.00
CA LEU A 176 -7.37 -0.69 4.93
C LEU A 176 -7.85 0.50 5.75
N ILE A 177 -9.11 0.45 6.17
CA ILE A 177 -9.73 1.50 6.97
CA ILE A 177 -9.74 1.50 6.97
C ILE A 177 -9.90 0.98 8.38
N ASP A 178 -9.24 1.63 9.32
CA ASP A 178 -9.14 1.13 10.68
C ASP A 178 -10.29 1.60 11.57
N GLN A 179 -10.21 1.26 12.86
CA GLN A 179 -11.33 1.50 13.77
C GLN A 179 -11.53 2.97 14.04
N GLN A 180 -10.56 3.83 13.70
N GLN A 180 -10.59 3.83 13.68
CA GLN A 180 -10.71 5.27 13.79
CA GLN A 180 -10.77 5.28 13.80
C GLN A 180 -10.93 5.90 12.42
C GLN A 180 -11.15 5.89 12.47
N GLY A 181 -11.23 5.10 11.41
CA GLY A 181 -11.50 5.59 10.08
C GLY A 181 -10.27 6.07 9.33
N TYR A 182 -9.08 5.82 9.86
CA TYR A 182 -7.83 6.15 9.18
C TYR A 182 -7.30 4.99 8.34
N ILE A 183 -6.42 5.33 7.41
CA ILE A 183 -5.80 4.39 6.49
C ILE A 183 -4.67 3.62 7.15
N GLN A 184 -4.59 2.34 6.81
CA GLN A 184 -3.41 1.50 7.03
C GLN A 184 -2.99 0.95 5.67
N VAL A 185 -1.84 1.39 5.18
CA VAL A 185 -1.26 0.85 3.95
C VAL A 185 -0.74 -0.53 4.26
N THR A 186 -1.15 -1.50 3.46
CA THR A 186 -0.64 -2.82 3.55
C THR A 186 -0.08 -3.17 2.17
N ASP A 187 0.29 -4.41 2.03
CA ASP A 187 0.88 -4.97 0.83
C ASP A 187 2.12 -4.22 0.38
N PHE A 188 3.25 -4.64 0.96
CA PHE A 188 4.56 -4.13 0.57
C PHE A 188 5.26 -5.04 -0.42
N GLY A 189 4.48 -5.85 -1.14
CA GLY A 189 5.09 -6.84 -2.02
C GLY A 189 5.94 -6.26 -3.13
N PHE A 190 5.68 -5.02 -3.56
CA PHE A 190 6.49 -4.35 -4.56
C PHE A 190 7.37 -3.23 -4.01
N ALA A 191 7.36 -3.00 -2.69
CA ALA A 191 8.16 -1.94 -2.13
C ALA A 191 9.64 -2.28 -2.23
N LYS A 192 10.46 -1.25 -2.39
CA LYS A 192 11.88 -1.47 -2.61
C LYS A 192 12.69 -0.29 -2.10
N ARG A 193 13.85 -0.58 -1.51
CA ARG A 193 14.82 0.47 -1.20
C ARG A 193 15.64 0.77 -2.44
N VAL A 194 15.60 2.02 -2.89
CA VAL A 194 16.14 2.47 -4.17
C VAL A 194 16.82 3.82 -3.94
N LYS A 195 18.09 3.90 -4.29
CA LYS A 195 18.77 5.17 -4.47
C LYS A 195 18.93 5.40 -5.97
N GLY A 196 18.29 6.42 -6.45
CA GLY A 196 18.27 6.68 -7.88
C GLY A 196 17.10 5.98 -8.55
N ARG A 197 17.42 5.11 -9.49
CA ARG A 197 16.43 4.51 -10.36
C ARG A 197 16.30 3.02 -10.09
N THR A 198 15.16 2.49 -10.53
CA THR A 198 14.91 1.06 -10.56
C THR A 198 14.16 0.74 -11.84
N TRP A 199 14.10 -0.54 -12.19
CA TRP A 199 13.64 -0.92 -13.53
C TRP A 199 12.54 -1.98 -13.62
N TPO A 200 12.13 -2.58 -12.51
CA TPO A 200 11.23 -3.73 -12.61
CB TPO A 200 11.15 -4.51 -11.29
CG2 TPO A 200 10.41 -5.82 -11.50
OG1 TPO A 200 12.46 -4.83 -10.86
P TPO A 200 12.85 -4.11 -9.49
O1P TPO A 200 14.41 -4.37 -9.22
O2P TPO A 200 12.00 -4.65 -8.39
O3P TPO A 200 12.62 -2.56 -9.69
C TPO A 200 9.86 -3.35 -13.05
O TPO A 200 9.26 -2.43 -12.51
H TPO A 200 12.35 -2.35 -11.70
HA TPO A 200 11.63 -4.32 -13.29
HB TPO A 200 10.62 -3.91 -10.54
HG21 TPO A 200 10.41 -6.40 -10.58
HG22 TPO A 200 10.91 -6.39 -12.29
HG23 TPO A 200 9.38 -5.62 -11.81
N LEU A 201 9.32 -4.09 -13.99
CA LEU A 201 7.93 -3.93 -14.36
C LEU A 201 7.05 -4.58 -13.29
N CYS A 202 6.37 -3.74 -12.52
CA CYS A 202 5.50 -4.24 -11.48
C CYS A 202 4.53 -3.14 -11.10
N GLY A 203 3.54 -3.53 -10.33
CA GLY A 203 2.43 -2.65 -10.02
C GLY A 203 1.13 -3.28 -10.49
N THR A 204 0.11 -2.44 -10.67
CA THR A 204 -1.21 -2.81 -11.19
C THR A 204 -1.53 -1.91 -12.38
N PRO A 205 -2.05 -2.45 -13.48
CA PRO A 205 -2.11 -1.67 -14.74
C PRO A 205 -2.71 -0.27 -14.67
N GLU A 206 -3.85 -0.13 -14.01
CA GLU A 206 -4.54 1.15 -13.98
C GLU A 206 -3.72 2.23 -13.28
N TYR A 207 -2.74 1.84 -12.49
N TYR A 207 -2.75 1.84 -12.47
CA TYR A 207 -2.00 2.76 -11.62
CA TYR A 207 -2.01 2.75 -11.62
C TYR A 207 -0.57 3.00 -12.08
C TYR A 207 -0.56 2.97 -12.06
N LEU A 208 -0.15 2.36 -13.18
CA LEU A 208 1.23 2.47 -13.63
C LEU A 208 1.52 3.82 -14.26
N ALA A 209 2.64 4.42 -13.88
CA ALA A 209 3.09 5.64 -14.51
C ALA A 209 3.59 5.34 -15.92
N PRO A 210 3.56 6.34 -16.81
CA PRO A 210 4.06 6.12 -18.17
C PRO A 210 5.47 5.56 -18.22
N GLU A 211 6.35 6.02 -17.35
CA GLU A 211 7.74 5.59 -17.45
C GLU A 211 7.92 4.12 -17.07
N ILE A 212 7.02 3.55 -16.27
CA ILE A 212 7.04 2.09 -16.05
C ILE A 212 6.63 1.39 -17.33
N ILE A 213 5.54 1.84 -17.95
CA ILE A 213 5.04 1.19 -19.16
C ILE A 213 6.09 1.20 -20.25
N LEU A 214 6.84 2.30 -20.34
CA LEU A 214 7.86 2.46 -21.38
C LEU A 214 9.22 1.87 -21.01
N SER A 215 9.32 1.14 -19.89
CA SER A 215 10.52 0.38 -19.56
C SER A 215 11.72 1.28 -19.26
N LYS A 216 11.47 2.43 -18.69
CA LYS A 216 12.52 3.33 -18.29
C LYS A 216 13.02 2.99 -16.89
N GLY A 217 14.19 3.54 -16.56
CA GLY A 217 14.65 3.56 -15.19
C GLY A 217 13.90 4.64 -14.45
N TYR A 218 13.07 4.24 -13.51
CA TYR A 218 12.15 5.16 -12.87
C TYR A 218 12.46 5.34 -11.39
N ASN A 219 11.78 6.30 -10.77
CA ASN A 219 12.09 6.68 -9.40
C ASN A 219 10.79 6.87 -8.61
N LYS A 220 10.90 7.55 -7.47
CA LYS A 220 9.76 7.76 -6.58
C LYS A 220 8.62 8.53 -7.25
N ALA A 221 8.88 9.22 -8.37
CA ALA A 221 7.82 9.91 -9.06
C ALA A 221 6.67 9.00 -9.46
N VAL A 222 6.91 7.68 -9.59
CA VAL A 222 5.82 6.78 -9.93
C VAL A 222 4.79 6.69 -8.80
N ASP A 223 5.21 6.85 -7.55
CA ASP A 223 4.26 6.84 -6.44
C ASP A 223 3.36 8.08 -6.49
N TRP A 224 3.91 9.23 -6.88
CA TRP A 224 3.11 10.44 -6.97
C TRP A 224 2.13 10.37 -8.13
N TRP A 225 2.54 9.78 -9.26
CA TRP A 225 1.58 9.49 -10.32
C TRP A 225 0.45 8.62 -9.78
N ALA A 226 0.79 7.55 -9.08
CA ALA A 226 -0.25 6.67 -8.58
C ALA A 226 -1.18 7.38 -7.60
N LEU A 227 -0.66 8.33 -6.81
CA LEU A 227 -1.53 9.13 -5.94
C LEU A 227 -2.54 9.91 -6.77
N GLY A 228 -2.11 10.49 -7.90
CA GLY A 228 -3.06 11.12 -8.80
C GLY A 228 -4.15 10.18 -9.25
N VAL A 229 -3.78 8.94 -9.61
CA VAL A 229 -4.79 7.97 -10.03
C VAL A 229 -5.75 7.68 -8.88
N LEU A 230 -5.20 7.47 -7.68
CA LEU A 230 -6.02 7.15 -6.52
C LEU A 230 -6.98 8.29 -6.19
N ILE A 231 -6.48 9.53 -6.20
CA ILE A 231 -7.36 10.65 -5.87
C ILE A 231 -8.47 10.76 -6.90
N TYR A 232 -8.12 10.63 -8.17
CA TYR A 232 -9.14 10.64 -9.22
C TYR A 232 -10.18 9.55 -8.96
N GLU A 233 -9.72 8.32 -8.69
CA GLU A 233 -10.65 7.22 -8.49
C GLU A 233 -11.53 7.44 -7.25
N MET A 234 -10.95 7.94 -6.16
CA MET A 234 -11.73 8.20 -4.95
C MET A 234 -12.83 9.22 -5.23
N ALA A 235 -12.50 10.26 -5.99
CA ALA A 235 -13.43 11.36 -6.20
C ALA A 235 -14.41 11.12 -7.34
N ALA A 236 -14.05 10.29 -8.32
CA ALA A 236 -14.95 9.99 -9.43
C ALA A 236 -15.70 8.68 -9.26
N GLY A 237 -15.10 7.72 -8.59
CA GLY A 237 -15.67 6.39 -8.46
C GLY A 237 -15.10 5.38 -9.43
N TYR A 238 -14.23 5.81 -10.33
CA TYR A 238 -13.58 4.95 -11.32
C TYR A 238 -12.23 5.58 -11.64
N PRO A 239 -11.27 4.79 -12.11
CA PRO A 239 -9.95 5.35 -12.37
C PRO A 239 -9.91 6.11 -13.69
N PRO A 240 -8.91 6.98 -13.86
CA PRO A 240 -8.89 7.86 -15.03
C PRO A 240 -8.58 7.14 -16.33
N PHE A 241 -7.85 6.04 -16.25
CA PHE A 241 -7.47 5.23 -17.41
C PHE A 241 -8.05 3.83 -17.23
N PHE A 242 -9.10 3.53 -18.00
CA PHE A 242 -9.87 2.30 -17.88
C PHE A 242 -10.06 1.70 -19.26
N ALA A 243 -9.96 0.38 -19.36
CA ALA A 243 -10.21 -0.31 -20.62
C ALA A 243 -10.24 -1.81 -20.38
N ASP A 244 -10.71 -2.54 -21.39
CA ASP A 244 -10.94 -3.97 -21.24
CA ASP A 244 -10.93 -3.97 -21.21
C ASP A 244 -9.63 -4.75 -21.19
N GLN A 245 -8.62 -4.31 -21.95
CA GLN A 245 -7.33 -4.96 -22.00
C GLN A 245 -6.26 -4.02 -21.45
N PRO A 246 -5.27 -4.54 -20.71
CA PRO A 246 -4.17 -3.67 -20.27
C PRO A 246 -3.56 -2.85 -21.38
N ILE A 247 -3.40 -3.42 -22.58
CA ILE A 247 -2.74 -2.68 -23.65
C ILE A 247 -3.48 -1.38 -23.94
N GLN A 248 -4.81 -1.42 -23.86
CA GLN A 248 -5.60 -0.24 -24.11
C GLN A 248 -5.50 0.74 -22.95
N ILE A 249 -5.37 0.23 -21.72
CA ILE A 249 -5.11 1.10 -20.57
C ILE A 249 -3.80 1.83 -20.79
N TYR A 250 -2.76 1.09 -21.19
CA TYR A 250 -1.43 1.68 -21.33
C TYR A 250 -1.40 2.76 -22.40
N GLU A 251 -2.11 2.54 -23.52
CA GLU A 251 -2.19 3.60 -24.53
C GLU A 251 -2.76 4.88 -23.94
N LYS A 252 -3.80 4.78 -23.12
CA LYS A 252 -4.40 5.97 -22.53
C LYS A 252 -3.44 6.65 -21.57
N ILE A 253 -2.74 5.84 -20.76
CA ILE A 253 -1.83 6.39 -19.76
C ILE A 253 -0.74 7.20 -20.43
N VAL A 254 -0.11 6.66 -21.47
CA VAL A 254 1.00 7.37 -22.11
C VAL A 254 0.55 8.56 -22.94
N SER A 255 -0.75 8.69 -23.23
CA SER A 255 -1.24 9.70 -24.19
C SER A 255 -1.15 11.13 -23.65
N GLY A 256 -1.20 11.31 -22.34
CA GLY A 256 -1.22 12.65 -21.79
C GLY A 256 -2.59 13.30 -21.81
N LYS A 257 -3.66 12.50 -21.85
CA LYS A 257 -5.03 13.01 -21.91
C LYS A 257 -5.85 12.36 -20.82
N VAL A 258 -6.54 13.17 -20.03
CA VAL A 258 -7.47 12.69 -19.02
C VAL A 258 -8.69 13.59 -19.07
N ARG A 259 -9.86 13.01 -18.88
CA ARG A 259 -11.12 13.75 -18.83
C ARG A 259 -11.58 13.78 -17.38
N PHE A 260 -11.98 14.93 -16.91
CA PHE A 260 -12.41 15.08 -15.54
C PHE A 260 -13.92 15.24 -15.47
N PRO A 261 -14.59 14.60 -14.51
CA PRO A 261 -16.02 14.86 -14.33
C PRO A 261 -16.25 16.31 -14.03
N SER A 262 -17.41 16.81 -14.48
CA SER A 262 -17.76 18.20 -14.24
C SER A 262 -17.88 18.51 -12.75
N HIS A 263 -18.20 17.52 -11.92
CA HIS A 263 -18.35 17.82 -10.50
C HIS A 263 -17.02 18.05 -9.80
N PHE A 264 -15.89 17.71 -10.42
CA PHE A 264 -14.60 17.99 -9.80
C PHE A 264 -14.41 19.49 -9.65
N SER A 265 -13.88 19.89 -8.50
CA SER A 265 -13.50 21.28 -8.29
C SER A 265 -12.33 21.67 -9.18
N SER A 266 -12.22 22.97 -9.45
CA SER A 266 -11.07 23.43 -10.21
C SER A 266 -9.76 23.11 -9.51
N ASP A 267 -9.70 23.25 -8.17
CA ASP A 267 -8.48 22.91 -7.46
C ASP A 267 -8.12 21.43 -7.62
N LEU A 268 -9.14 20.55 -7.59
CA LEU A 268 -8.87 19.12 -7.77
C LEU A 268 -8.31 18.87 -9.16
N LYS A 269 -8.93 19.43 -10.20
CA LYS A 269 -8.41 19.23 -11.55
C LYS A 269 -6.98 19.73 -11.66
N ASP A 270 -6.67 20.88 -11.08
CA ASP A 270 -5.32 21.40 -11.20
C ASP A 270 -4.32 20.48 -10.51
N LEU A 271 -4.63 20.02 -9.29
CA LEU A 271 -3.71 19.10 -8.61
C LEU A 271 -3.51 17.84 -9.43
N LEU A 272 -4.59 17.30 -10.00
CA LEU A 272 -4.48 16.04 -10.75
C LEU A 272 -3.70 16.22 -12.05
N ARG A 273 -3.83 17.37 -12.72
CA ARG A 273 -3.00 17.59 -13.89
C ARG A 273 -1.52 17.59 -13.55
N ASN A 274 -1.16 18.00 -12.34
CA ASN A 274 0.23 18.04 -11.93
C ASN A 274 0.74 16.72 -11.36
N LEU A 275 -0.15 15.86 -10.84
CA LEU A 275 0.25 14.52 -10.44
C LEU A 275 0.24 13.57 -11.62
N LEU A 276 -0.78 13.66 -12.47
CA LEU A 276 -0.89 12.86 -13.69
C LEU A 276 -0.17 13.52 -14.85
N GLN A 277 0.99 14.05 -14.55
CA GLN A 277 1.87 14.66 -15.52
C GLN A 277 2.74 13.58 -16.16
N VAL A 278 2.61 13.39 -17.47
CA VAL A 278 3.32 12.29 -18.12
CA VAL A 278 3.33 12.31 -18.15
C VAL A 278 4.83 12.53 -18.12
N ASP A 279 5.25 13.79 -18.12
CA ASP A 279 6.68 14.11 -18.07
C ASP A 279 7.10 14.04 -16.62
N LEU A 280 7.84 13.00 -16.25
CA LEU A 280 8.17 12.81 -14.85
C LEU A 280 9.00 13.96 -14.29
N THR A 281 9.70 14.72 -15.15
CA THR A 281 10.53 15.81 -14.66
C THR A 281 9.70 17.04 -14.31
N LYS A 282 8.40 17.03 -14.64
CA LYS A 282 7.48 18.11 -14.34
C LYS A 282 6.41 17.71 -13.34
N ARG A 283 6.49 16.50 -12.80
CA ARG A 283 5.43 15.94 -11.99
C ARG A 283 5.55 16.38 -10.53
N PHE A 284 4.44 16.85 -9.96
CA PHE A 284 4.43 17.19 -8.54
C PHE A 284 4.89 16.02 -7.70
N GLY A 285 5.69 16.33 -6.68
CA GLY A 285 6.38 15.36 -5.87
C GLY A 285 7.80 15.09 -6.33
N ASN A 286 8.13 15.45 -7.57
CA ASN A 286 9.44 15.17 -8.14
C ASN A 286 10.18 16.44 -8.54
N LEU A 287 9.72 17.60 -8.08
CA LEU A 287 10.35 18.87 -8.39
C LEU A 287 11.25 19.29 -7.24
N LYS A 288 11.90 20.44 -7.39
CA LYS A 288 12.85 20.91 -6.38
C LYS A 288 12.21 20.99 -5.01
N ASN A 289 10.95 21.42 -4.94
CA ASN A 289 10.29 21.58 -3.66
C ASN A 289 9.67 20.27 -3.16
N GLY A 290 9.89 19.16 -3.85
CA GLY A 290 9.44 17.87 -3.38
C GLY A 290 7.98 17.85 -2.96
N VAL A 291 7.73 17.26 -1.80
CA VAL A 291 6.36 17.05 -1.34
C VAL A 291 5.65 18.34 -1.06
N ASN A 292 6.39 19.43 -0.82
CA ASN A 292 5.69 20.65 -0.45
C ASN A 292 4.88 21.25 -1.59
N ASP A 293 5.20 20.94 -2.85
CA ASP A 293 4.33 21.40 -3.93
C ASP A 293 2.93 20.79 -3.79
N ILE A 294 2.86 19.58 -3.25
CA ILE A 294 1.57 18.94 -3.00
C ILE A 294 0.94 19.48 -1.72
N LYS A 295 1.69 19.50 -0.62
CA LYS A 295 1.11 19.92 0.65
C LYS A 295 0.60 21.36 0.60
N ASN A 296 1.22 22.20 -0.22
CA ASN A 296 0.87 23.62 -0.31
C ASN A 296 -0.12 23.92 -1.42
N HIS A 297 -0.56 22.89 -2.14
CA HIS A 297 -1.52 23.11 -3.22
C HIS A 297 -2.87 23.53 -2.63
N LYS A 298 -3.59 24.39 -3.37
CA LYS A 298 -4.90 24.87 -2.93
C LYS A 298 -5.88 23.76 -2.56
N TRP A 299 -5.81 22.61 -3.23
CA TRP A 299 -6.74 21.54 -2.88
C TRP A 299 -6.56 21.06 -1.44
N PHE A 300 -5.35 21.22 -0.88
CA PHE A 300 -5.08 20.84 0.49
C PHE A 300 -5.12 22.01 1.47
N ALA A 301 -5.69 23.15 1.06
CA ALA A 301 -5.64 24.32 1.92
C ALA A 301 -6.32 24.09 3.27
N THR A 302 -7.34 23.24 3.33
CA THR A 302 -8.03 22.97 4.57
C THR A 302 -7.39 21.88 5.40
N THR A 303 -6.28 21.28 4.95
CA THR A 303 -5.66 20.18 5.65
C THR A 303 -4.70 20.67 6.71
N ASP A 304 -4.90 20.20 7.94
CA ASP A 304 -3.99 20.41 9.06
C ASP A 304 -3.09 19.18 9.10
N TRP A 305 -1.91 19.31 8.50
CA TRP A 305 -1.04 18.15 8.30
C TRP A 305 -0.64 17.52 9.62
N ILE A 306 -0.30 18.33 10.62
CA ILE A 306 0.07 17.78 11.93
C ILE A 306 -1.13 17.06 12.57
N ALA A 307 -2.31 17.65 12.48
CA ALA A 307 -3.48 17.02 13.07
C ALA A 307 -3.77 15.67 12.43
N ILE A 308 -3.56 15.55 11.12
CA ILE A 308 -3.73 14.26 10.45
C ILE A 308 -2.72 13.26 10.98
N TYR A 309 -1.44 13.66 11.03
CA TYR A 309 -0.39 12.78 11.53
C TYR A 309 -0.69 12.30 12.94
N GLN A 310 -1.14 13.20 13.81
CA GLN A 310 -1.45 12.88 15.19
C GLN A 310 -2.79 12.18 15.36
N ARG A 311 -3.51 11.95 14.26
CA ARG A 311 -4.81 11.27 14.26
C ARG A 311 -5.84 12.01 15.12
N LYS A 312 -5.84 13.33 15.04
CA LYS A 312 -6.74 14.16 15.82
C LYS A 312 -7.95 14.65 15.03
N VAL A 313 -7.95 14.46 13.72
CA VAL A 313 -9.07 14.81 12.87
C VAL A 313 -10.12 13.70 12.95
N GLU A 314 -11.38 14.09 13.13
CA GLU A 314 -12.46 13.10 13.10
C GLU A 314 -12.65 12.63 11.67
N ALA A 315 -12.71 11.32 11.50
CA ALA A 315 -12.73 10.75 10.16
C ALA A 315 -14.10 10.90 9.49
N PRO A 316 -14.12 10.82 8.16
CA PRO A 316 -15.41 10.91 7.45
C PRO A 316 -16.33 9.76 7.76
N PHE A 317 -15.81 8.57 8.02
CA PHE A 317 -16.67 7.49 8.46
C PHE A 317 -15.84 6.39 9.10
N ILE A 318 -16.49 5.64 9.98
CA ILE A 318 -15.87 4.49 10.63
C ILE A 318 -16.57 3.26 10.09
N PRO A 319 -15.84 2.27 9.60
CA PRO A 319 -16.49 1.06 9.13
C PRO A 319 -17.31 0.43 10.24
N LYS A 320 -18.36 -0.25 9.83
CA LYS A 320 -19.21 -1.00 10.74
C LYS A 320 -18.61 -2.37 10.94
N PHE A 321 -18.30 -2.71 12.18
CA PHE A 321 -17.78 -4.03 12.52
C PHE A 321 -18.10 -4.28 13.99
N LYS A 322 -18.12 -5.55 14.37
CA LYS A 322 -18.59 -5.91 15.70
C LYS A 322 -17.48 -6.08 16.72
N GLY A 323 -16.24 -6.25 16.27
CA GLY A 323 -15.12 -6.43 17.15
C GLY A 323 -13.88 -6.82 16.40
N PRO A 324 -12.80 -7.09 17.13
CA PRO A 324 -11.51 -7.33 16.49
C PRO A 324 -11.43 -8.63 15.69
N GLY A 325 -12.38 -9.56 15.84
CA GLY A 325 -12.44 -10.77 15.04
C GLY A 325 -13.49 -10.78 13.95
N ASP A 326 -14.19 -9.66 13.73
CA ASP A 326 -15.23 -9.60 12.70
C ASP A 326 -14.61 -9.61 11.32
N THR A 327 -15.12 -10.48 10.44
CA THR A 327 -14.68 -10.57 9.05
C THR A 327 -15.73 -10.07 8.04
N SER A 328 -16.81 -9.44 8.52
N SER A 328 -16.79 -9.41 8.51
CA SER A 328 -17.92 -9.07 7.63
CA SER A 328 -17.92 -9.05 7.67
C SER A 328 -17.47 -8.16 6.50
C SER A 328 -17.57 -8.04 6.59
N ASN A 329 -16.43 -7.34 6.71
CA ASN A 329 -16.00 -6.39 5.69
C ASN A 329 -15.05 -6.98 4.67
N PHE A 330 -14.77 -8.28 4.78
CA PHE A 330 -14.01 -9.04 3.80
C PHE A 330 -14.93 -10.07 3.16
N ASP A 331 -14.51 -10.56 2.01
CA ASP A 331 -15.38 -11.42 1.24
C ASP A 331 -14.99 -12.88 1.39
N ASP A 332 -15.73 -13.74 0.71
CA ASP A 332 -15.69 -15.18 0.95
C ASP A 332 -14.88 -15.88 -0.13
N TYR A 333 -13.95 -16.72 0.31
CA TYR A 333 -13.06 -17.45 -0.57
C TYR A 333 -13.09 -18.92 -0.17
N GLU A 334 -12.86 -19.79 -1.15
CA GLU A 334 -12.72 -21.20 -0.86
C GLU A 334 -11.63 -21.39 0.19
N GLU A 335 -11.93 -22.18 1.22
CA GLU A 335 -10.97 -22.44 2.29
C GLU A 335 -10.12 -23.64 1.89
N GLU A 336 -8.85 -23.39 1.60
CA GLU A 336 -7.90 -24.38 1.13
C GLU A 336 -6.88 -24.69 2.21
N GLU A 337 -6.29 -25.90 2.15
CA GLU A 337 -5.28 -26.28 3.16
C GLU A 337 -4.06 -25.36 3.15
N ILE A 338 -3.40 -25.25 4.32
CA ILE A 338 -2.06 -24.69 4.44
C ILE A 338 -1.13 -25.87 4.65
N ARG A 339 -0.61 -26.44 3.56
CA ARG A 339 0.21 -27.63 3.60
C ARG A 339 1.68 -27.26 3.81
N VAL A 340 2.33 -27.97 4.72
CA VAL A 340 3.75 -27.83 4.95
C VAL A 340 4.42 -29.14 4.58
N SEP A 341 5.30 -29.11 3.59
CA SEP A 341 5.96 -30.30 3.12
CB SEP A 341 6.76 -29.97 1.84
OG SEP A 341 7.62 -31.03 1.49
C SEP A 341 6.88 -30.89 4.17
O SEP A 341 7.39 -30.21 5.06
P SEP A 341 6.91 -32.19 0.61
O1P SEP A 341 8.10 -32.99 -0.13
O2P SEP A 341 6.14 -33.19 1.59
O3P SEP A 341 5.91 -31.56 -0.47
H SEP A 341 5.53 -28.39 3.18
HA SEP A 341 5.29 -30.98 2.90
HB2 SEP A 341 7.29 -29.17 2.01
HB3 SEP A 341 6.13 -29.82 1.12
N ILE A 342 7.06 -32.21 4.07
CA ILE A 342 7.97 -32.93 4.92
C ILE A 342 9.42 -32.60 4.58
N ASN A 343 9.64 -32.03 3.40
CA ASN A 343 10.97 -31.65 2.93
C ASN A 343 11.05 -30.16 2.65
N GLU A 344 12.21 -29.58 2.93
CA GLU A 344 12.41 -28.14 2.73
C GLU A 344 12.47 -27.79 1.25
N LYS A 345 11.76 -26.73 0.87
CA LYS A 345 11.76 -26.22 -0.50
C LYS A 345 12.47 -24.87 -0.54
N CYS A 346 13.33 -24.69 -1.54
CA CYS A 346 13.92 -23.36 -1.85
C CYS A 346 14.63 -22.77 -0.64
N GLY A 347 15.30 -23.61 0.15
CA GLY A 347 15.98 -23.11 1.32
C GLY A 347 16.97 -22.01 1.00
N LYS A 348 17.81 -22.23 -0.03
CA LYS A 348 18.86 -21.26 -0.33
C LYS A 348 18.27 -19.92 -0.71
N GLU A 349 17.24 -19.92 -1.55
CA GLU A 349 16.69 -18.67 -2.06
C GLU A 349 16.19 -17.76 -0.94
N PHE A 350 15.65 -18.34 0.13
CA PHE A 350 15.00 -17.57 1.18
C PHE A 350 15.78 -17.56 2.49
N THR A 351 17.09 -17.81 2.45
CA THR A 351 17.90 -17.84 3.66
C THR A 351 17.73 -16.59 4.51
N GLU A 352 17.66 -15.41 3.88
CA GLU A 352 17.63 -14.18 4.68
C GLU A 352 16.26 -13.91 5.29
N PHE A 353 15.22 -14.62 4.87
CA PHE A 353 13.89 -14.33 5.36
C PHE A 353 13.78 -14.77 6.82
C1 NPO B . -2.78 -7.59 2.53
C2 NPO B . -3.41 -7.14 1.38
C3 NPO B . -4.75 -6.81 1.44
C4 NPO B . -5.45 -6.95 2.63
C5 NPO B . -4.80 -7.41 3.77
C6 NPO B . -3.45 -7.73 3.73
OH NPO B . -6.78 -6.66 2.66
N1 NPO B . -1.37 -7.96 2.46
O2 NPO B . -0.74 -7.84 1.34
O3 NPO B . -0.82 -8.39 3.48
#